data_5F2U
#
_entry.id   5F2U
#
_cell.length_a   77.470
_cell.length_b   81.200
_cell.length_c   117.210
_cell.angle_alpha   90.000
_cell.angle_beta   90.000
_cell.angle_gamma   90.000
#
_symmetry.space_group_name_H-M   'C 2 2 21'
#
loop_
_entity.id
_entity.type
_entity.pdbx_description
1 polymer "Retinal rod rhodopsin-sensitive cGMP 3',5'-cyclic phosphodiesterase subunit delta"
2 polymer 'Phosphatidylinositol 4,5-bisphosphate 5-phosphatase, s-farnesyl-l-cysteine methyl ester'
3 non-polymer FARNESYL
4 water water
#
loop_
_entity_poly.entity_id
_entity_poly.type
_entity_poly.pdbx_seq_one_letter_code
_entity_poly.pdbx_strand_id
1 'polypeptide(L)'
;SAKDERAREILRGFKLNWMNLRDAETGKILWQGTEDLSVPGVEHEARVPKKILKCKAVSRELNFSSTEQMEKFRLEQKVY
FKGQCLEEWFFEFGFVIPNSTNTWQSLIEAAPESQMMPASVLTGNVIIETKFFDDDLLVSTSRVRLFYV
;
A,B
2 'polypeptide(L)' SSTI(CMT) C,D
#
# COMPACT_ATOMS: atom_id res chain seq x y z
N SER A 1 -6.01 1.54 -19.01
CA SER A 1 -5.30 2.56 -18.21
C SER A 1 -4.34 1.86 -17.23
N ALA A 2 -3.14 2.43 -17.03
CA ALA A 2 -2.18 1.92 -16.04
C ALA A 2 -2.91 1.79 -14.71
N LYS A 3 -3.60 2.88 -14.34
CA LYS A 3 -4.32 2.99 -13.07
C LYS A 3 -5.43 1.97 -12.87
N ASP A 4 -6.16 1.65 -13.93
CA ASP A 4 -7.20 0.61 -13.90
C ASP A 4 -6.64 -0.76 -13.73
N GLU A 5 -5.52 -1.02 -14.36
CA GLU A 5 -4.93 -2.31 -14.24
C GLU A 5 -4.40 -2.54 -12.82
N ARG A 6 -3.86 -1.48 -12.21
CA ARG A 6 -3.30 -1.59 -10.87
C ARG A 6 -4.44 -1.81 -9.89
N ALA A 7 -5.48 -0.97 -9.96
CA ALA A 7 -6.68 -1.17 -9.14
C ALA A 7 -7.13 -2.63 -9.17
N ARG A 8 -7.14 -3.23 -10.36
CA ARG A 8 -7.56 -4.62 -10.51
C ARG A 8 -6.64 -5.61 -9.91
N GLU A 9 -5.34 -5.38 -9.99
CA GLU A 9 -4.36 -6.22 -9.33
C GLU A 9 -4.56 -6.26 -7.78
N ILE A 10 -4.70 -5.07 -7.24
CA ILE A 10 -4.90 -4.92 -5.79
C ILE A 10 -6.15 -5.71 -5.36
N LEU A 11 -7.22 -5.50 -6.10
CA LEU A 11 -8.49 -6.14 -5.78
C LEU A 11 -8.40 -7.62 -5.88
N ARG A 12 -7.84 -8.16 -6.98
CA ARG A 12 -7.65 -9.58 -7.07
C ARG A 12 -6.86 -10.15 -5.90
N GLY A 13 -5.97 -9.38 -5.29
CA GLY A 13 -5.21 -9.83 -4.14
C GLY A 13 -5.76 -9.54 -2.75
N PHE A 14 -6.89 -8.84 -2.71
CA PHE A 14 -7.46 -8.31 -1.47
C PHE A 14 -8.63 -9.16 -1.04
N LYS A 15 -8.76 -9.39 0.26
CA LYS A 15 -10.03 -9.88 0.76
C LYS A 15 -10.27 -9.59 2.19
N LEU A 16 -11.55 -9.50 2.54
CA LEU A 16 -11.91 -9.30 3.94
C LEU A 16 -12.16 -10.72 4.44
N ASN A 17 -11.44 -11.08 5.51
CA ASN A 17 -11.55 -12.42 6.11
C ASN A 17 -12.68 -12.50 7.12
N TRP A 18 -12.77 -11.54 8.02
CA TRP A 18 -13.83 -11.50 9.00
C TRP A 18 -13.95 -10.09 9.52
N MET A 19 -15.10 -9.85 10.16
CA MET A 19 -15.40 -8.58 10.69
C MET A 19 -16.32 -8.73 11.88
N ASN A 20 -16.00 -8.02 12.95
CA ASN A 20 -16.83 -8.01 14.17
C ASN A 20 -17.41 -6.61 14.36
N LEU A 21 -18.64 -6.58 14.90
CA LEU A 21 -19.20 -5.42 15.53
C LEU A 21 -19.43 -5.76 16.98
N ARG A 22 -18.68 -5.09 17.81
CA ARG A 22 -18.64 -5.31 19.25
C ARG A 22 -19.16 -4.11 20.04
N ASP A 23 -20.01 -4.38 21.02
CA ASP A 23 -20.48 -3.35 21.95
C ASP A 23 -19.32 -2.90 22.77
N ALA A 24 -18.98 -1.61 22.68
CA ALA A 24 -17.75 -1.12 23.33
C ALA A 24 -17.94 -0.95 24.82
N GLU A 25 -19.17 -0.99 25.30
CA GLU A 25 -19.41 -0.85 26.73
C GLU A 25 -19.46 -2.19 27.45
N THR A 26 -19.91 -3.22 26.78
CA THR A 26 -19.96 -4.55 27.41
C THR A 26 -18.89 -5.53 27.00
N GLY A 27 -18.28 -5.29 25.84
CA GLY A 27 -17.31 -6.18 25.25
C GLY A 27 -17.86 -7.25 24.37
N LYS A 28 -19.15 -7.36 24.29
CA LYS A 28 -19.77 -8.48 23.59
C LYS A 28 -19.83 -8.28 22.09
N ILE A 29 -19.42 -9.30 21.36
CA ILE A 29 -19.57 -9.28 19.93
C ILE A 29 -21.05 -9.48 19.60
N LEU A 30 -21.65 -8.53 18.88
CA LEU A 30 -23.06 -8.61 18.46
C LEU A 30 -23.26 -9.16 17.07
N TRP A 31 -22.25 -9.05 16.21
CA TRP A 31 -22.34 -9.44 14.84
C TRP A 31 -20.92 -9.83 14.34
N GLN A 32 -20.83 -10.93 13.62
CA GLN A 32 -19.61 -11.39 13.02
C GLN A 32 -19.87 -11.88 11.66
N GLY A 33 -19.42 -11.11 10.68
CA GLY A 33 -19.47 -11.47 9.26
C GLY A 33 -18.18 -12.24 8.88
N THR A 34 -18.35 -13.26 8.08
CA THR A 34 -17.23 -14.05 7.56
C THR A 34 -17.17 -14.07 6.04
N GLU A 35 -18.07 -13.33 5.42
CA GLU A 35 -18.12 -13.16 3.96
C GLU A 35 -17.26 -12.01 3.48
N ASP A 36 -16.73 -12.12 2.27
CA ASP A 36 -15.91 -11.08 1.74
C ASP A 36 -16.80 -9.94 1.16
N LEU A 37 -17.08 -9.00 2.03
CA LEU A 37 -17.91 -7.86 1.67
C LEU A 37 -17.15 -6.78 0.87
N SER A 38 -15.88 -7.01 0.49
CA SER A 38 -15.24 -6.12 -0.47
C SER A 38 -15.62 -6.41 -1.92
N VAL A 39 -16.25 -7.55 -2.15
CA VAL A 39 -16.51 -8.01 -3.51
C VAL A 39 -17.53 -7.06 -4.18
N PRO A 40 -17.18 -6.43 -5.30
CA PRO A 40 -18.09 -5.47 -5.98
C PRO A 40 -19.09 -6.19 -6.89
N GLY A 41 -20.05 -5.44 -7.44
CA GLY A 41 -21.00 -5.94 -8.42
C GLY A 41 -22.05 -6.93 -7.91
N VAL A 42 -22.33 -6.93 -6.62
CA VAL A 42 -23.37 -7.78 -6.11
C VAL A 42 -23.83 -7.12 -4.83
N GLU A 43 -25.10 -7.20 -4.54
CA GLU A 43 -25.58 -6.67 -3.26
C GLU A 43 -25.48 -7.69 -2.14
N HIS A 44 -24.65 -7.41 -1.16
CA HIS A 44 -24.46 -8.28 -0.04
C HIS A 44 -25.57 -7.95 0.88
N GLU A 45 -25.86 -8.84 1.82
CA GLU A 45 -26.84 -8.52 2.91
C GLU A 45 -26.27 -8.80 4.23
N ALA A 46 -26.64 -8.00 5.22
CA ALA A 46 -26.20 -8.27 6.57
C ALA A 46 -27.40 -8.12 7.50
N ARG A 47 -27.53 -9.07 8.41
CA ARG A 47 -28.55 -9.02 9.48
C ARG A 47 -27.84 -8.70 10.77
N VAL A 48 -28.20 -7.62 11.40
CA VAL A 48 -27.60 -7.22 12.64
C VAL A 48 -28.69 -7.18 13.72
N PRO A 49 -28.38 -7.58 14.94
CA PRO A 49 -29.36 -7.44 16.04
C PRO A 49 -29.70 -5.98 16.28
N LYS A 50 -31.01 -5.72 16.42
CA LYS A 50 -31.45 -4.37 16.53
C LYS A 50 -30.96 -3.68 17.75
N LYS A 51 -30.59 -4.42 18.80
CA LYS A 51 -30.06 -3.80 19.97
C LYS A 51 -28.70 -3.12 19.80
N ILE A 52 -28.11 -3.27 18.63
CA ILE A 52 -26.93 -2.52 18.34
C ILE A 52 -27.22 -1.00 18.34
N LEU A 53 -28.46 -0.64 18.01
CA LEU A 53 -28.85 0.78 18.04
C LEU A 53 -28.85 1.39 19.40
N LYS A 54 -28.74 0.56 20.42
CA LYS A 54 -28.70 1.02 21.83
C LYS A 54 -27.34 1.21 22.36
N CYS A 55 -26.34 0.76 21.62
CA CYS A 55 -24.94 0.89 22.12
C CYS A 55 -24.51 2.30 22.07
N LYS A 56 -23.69 2.70 23.02
CA LYS A 56 -23.13 4.06 22.99
C LYS A 56 -21.99 4.16 21.97
N ALA A 57 -21.33 3.04 21.75
CA ALA A 57 -20.22 2.99 20.77
C ALA A 57 -20.01 1.55 20.37
N VAL A 58 -19.58 1.37 19.13
CA VAL A 58 -19.32 0.07 18.61
C VAL A 58 -17.88 -0.02 18.18
N SER A 59 -17.24 -1.13 18.55
CA SER A 59 -15.86 -1.45 18.02
C SER A 59 -16.02 -2.27 16.79
N ARG A 60 -15.59 -1.76 15.65
CA ARG A 60 -15.60 -2.50 14.47
C ARG A 60 -14.19 -3.03 14.20
N GLU A 61 -14.08 -4.33 14.12
CA GLU A 61 -12.80 -4.98 13.91
C GLU A 61 -12.83 -5.73 12.60
N LEU A 62 -11.97 -5.33 11.67
CA LEU A 62 -12.00 -5.85 10.32
C LEU A 62 -10.66 -6.58 10.05
N ASN A 63 -10.69 -7.83 9.65
CA ASN A 63 -9.45 -8.56 9.32
C ASN A 63 -9.36 -8.74 7.81
N PHE A 64 -8.27 -8.25 7.22
CA PHE A 64 -8.15 -8.32 5.79
C PHE A 64 -6.72 -8.79 5.40
N SER A 65 -6.64 -9.32 4.20
CA SER A 65 -5.39 -9.83 3.64
C SER A 65 -5.18 -9.08 2.33
N SER A 66 -3.93 -8.73 2.02
CA SER A 66 -3.65 -8.09 0.74
C SER A 66 -2.32 -8.64 0.16
N THR A 67 -2.36 -9.15 -1.05
CA THR A 67 -1.09 -9.62 -1.70
C THR A 67 -0.28 -8.37 -2.12
N GLU A 68 -0.96 -7.33 -2.60
CA GLU A 68 -0.34 -6.12 -3.00
C GLU A 68 -0.12 -5.14 -1.87
N GLN A 69 0.91 -4.32 -2.05
CA GLN A 69 1.18 -3.25 -1.10
C GLN A 69 0.18 -2.14 -1.34
N MET A 70 -0.19 -1.43 -0.30
CA MET A 70 -0.92 -0.23 -0.44
C MET A 70 -0.24 0.83 0.36
N GLU A 71 -0.13 2.01 -0.21
CA GLU A 71 0.58 3.10 0.46
C GLU A 71 -0.25 3.73 1.57
N LYS A 72 -1.52 3.88 1.31
CA LYS A 72 -2.44 4.56 2.25
C LYS A 72 -3.86 3.99 2.04
N PHE A 73 -4.05 2.82 2.59
CA PHE A 73 -5.34 2.13 2.51
C PHE A 73 -6.35 2.91 3.41
N ARG A 74 -7.47 3.23 2.80
CA ARG A 74 -8.56 3.89 3.52
C ARG A 74 -9.90 3.49 2.93
N LEU A 75 -10.94 3.84 3.69
CA LEU A 75 -12.31 3.61 3.33
C LEU A 75 -13.15 4.87 3.41
N GLU A 76 -14.07 4.97 2.45
CA GLU A 76 -15.17 5.94 2.52
C GLU A 76 -16.43 5.10 2.45
N GLN A 77 -17.29 5.32 3.45
CA GLN A 77 -18.56 4.61 3.54
C GLN A 77 -19.69 5.63 3.56
N LYS A 78 -20.67 5.42 2.68
CA LYS A 78 -21.88 6.17 2.74
C LYS A 78 -23.07 5.33 3.17
N VAL A 79 -23.92 5.94 3.97
CA VAL A 79 -25.11 5.25 4.45
C VAL A 79 -26.29 5.83 3.65
N TYR A 80 -26.92 5.00 2.86
CA TYR A 80 -28.02 5.44 2.07
C TYR A 80 -29.28 4.83 2.65
N PHE A 81 -30.32 5.66 2.85
CA PHE A 81 -31.60 5.22 3.35
C PHE A 81 -32.64 5.47 2.27
N LYS A 82 -33.19 4.38 1.73
CA LYS A 82 -34.06 4.45 0.56
C LYS A 82 -33.44 5.29 -0.52
N GLY A 83 -32.13 5.12 -0.73
CA GLY A 83 -31.39 5.89 -1.73
C GLY A 83 -31.02 7.32 -1.39
N GLN A 84 -31.27 7.80 -0.18
CA GLN A 84 -30.84 9.10 0.25
C GLN A 84 -29.61 8.93 1.04
N CYS A 85 -28.56 9.69 0.76
CA CYS A 85 -27.36 9.63 1.60
C CYS A 85 -27.60 10.34 2.88
N LEU A 86 -27.58 9.62 4.00
CA LEU A 86 -27.72 10.21 5.28
C LEU A 86 -26.41 10.58 5.95
N GLU A 87 -25.36 9.75 5.76
CA GLU A 87 -24.12 9.88 6.51
C GLU A 87 -22.96 9.44 5.65
N GLU A 88 -21.80 9.94 6.02
CA GLU A 88 -20.58 9.61 5.33
C GLU A 88 -19.51 9.38 6.38
N TRP A 89 -18.83 8.21 6.31
CA TRP A 89 -17.84 7.86 7.29
C TRP A 89 -16.50 7.70 6.53
N PHE A 90 -15.45 8.08 7.24
CA PHE A 90 -14.04 8.00 6.71
C PHE A 90 -13.18 7.30 7.67
N PHE A 91 -12.44 6.32 7.16
CA PHE A 91 -11.49 5.62 7.99
C PHE A 91 -10.18 5.41 7.25
N GLU A 92 -9.08 5.60 7.95
CA GLU A 92 -7.72 5.40 7.37
C GLU A 92 -6.93 4.33 8.08
N PHE A 93 -6.38 3.41 7.30
CA PHE A 93 -5.56 2.37 7.86
C PHE A 93 -4.08 2.78 7.71
N GLY A 94 -3.68 3.22 6.53
CA GLY A 94 -2.29 3.58 6.28
C GLY A 94 -1.60 2.56 5.41
N PHE A 95 -0.30 2.43 5.67
CA PHE A 95 0.54 1.51 4.83
C PHE A 95 0.16 0.04 5.10
N VAL A 96 0.07 -0.73 4.03
CA VAL A 96 -0.19 -2.15 4.09
C VAL A 96 1.00 -2.86 3.44
N ILE A 97 1.63 -3.73 4.21
CA ILE A 97 2.79 -4.52 3.75
C ILE A 97 2.28 -5.53 2.74
N PRO A 98 3.01 -5.72 1.65
CA PRO A 98 2.61 -6.73 0.72
C PRO A 98 2.59 -8.12 1.36
N ASN A 99 1.61 -8.95 0.95
CA ASN A 99 1.32 -10.22 1.65
C ASN A 99 1.14 -10.20 3.07
N SER A 100 0.32 -9.31 3.59
CA SER A 100 0.11 -9.25 4.95
C SER A 100 -1.37 -9.55 5.23
N THR A 101 -1.62 -9.95 6.47
CA THR A 101 -2.96 -9.99 7.06
C THR A 101 -2.96 -9.05 8.20
N ASN A 102 -4.02 -8.27 8.39
CA ASN A 102 -4.01 -7.15 9.26
C ASN A 102 -5.38 -7.09 9.94
N THR A 103 -5.42 -6.74 11.20
CA THR A 103 -6.68 -6.43 11.88
C THR A 103 -6.77 -4.95 12.12
N TRP A 104 -7.87 -4.35 11.71
CA TRP A 104 -8.06 -2.93 11.79
C TRP A 104 -9.22 -2.67 12.72
N GLN A 105 -8.97 -2.00 13.79
CA GLN A 105 -10.04 -1.73 14.74
C GLN A 105 -10.41 -0.27 14.66
N SER A 106 -11.69 0.04 14.66
CA SER A 106 -12.14 1.45 14.68
C SER A 106 -13.32 1.53 15.63
N LEU A 107 -13.49 2.68 16.28
CA LEU A 107 -14.63 2.93 17.18
C LEU A 107 -15.61 3.82 16.45
N ILE A 108 -16.87 3.38 16.31
CA ILE A 108 -17.93 4.20 15.75
C ILE A 108 -18.85 4.63 16.93
N GLU A 109 -19.02 5.92 17.15
CA GLU A 109 -19.72 6.38 18.33
C GLU A 109 -21.18 6.64 17.92
N ALA A 110 -22.10 6.31 18.79
CA ALA A 110 -23.50 6.62 18.49
C ALA A 110 -23.73 8.15 18.49
N ALA A 111 -24.62 8.60 17.64
CA ALA A 111 -25.15 9.93 17.78
C ALA A 111 -25.99 10.07 19.06
N PRO A 112 -26.34 11.31 19.43
CA PRO A 112 -27.20 11.49 20.60
C PRO A 112 -28.46 10.65 20.44
N GLU A 113 -29.02 10.24 21.58
CA GLU A 113 -30.12 9.29 21.52
C GLU A 113 -31.31 9.76 20.70
N SER A 114 -31.58 11.06 20.78
CA SER A 114 -32.71 11.68 20.06
C SER A 114 -32.54 11.71 18.56
N GLN A 115 -31.33 11.44 18.08
CA GLN A 115 -31.09 11.38 16.66
C GLN A 115 -31.04 9.98 16.13
N MET A 116 -30.98 8.98 17.00
CA MET A 116 -30.89 7.60 16.48
C MET A 116 -32.12 7.19 15.73
N MET A 117 -31.93 6.42 14.71
CA MET A 117 -33.09 5.99 13.89
C MET A 117 -33.63 4.69 14.42
N PRO A 118 -34.97 4.55 14.43
CA PRO A 118 -35.58 3.28 14.86
C PRO A 118 -35.29 2.10 13.94
N ALA A 119 -35.10 0.93 14.57
CA ALA A 119 -34.96 -0.33 13.85
C ALA A 119 -36.02 -0.58 12.81
N SER A 120 -37.30 -0.32 13.14
CA SER A 120 -38.38 -0.69 12.22
C SER A 120 -38.41 0.23 11.01
N VAL A 121 -37.90 1.46 11.17
CA VAL A 121 -37.76 2.31 10.01
C VAL A 121 -36.57 1.90 9.12
N LEU A 122 -35.46 1.51 9.73
CA LEU A 122 -34.23 1.21 9.01
C LEU A 122 -34.22 -0.11 8.22
N THR A 123 -34.78 -1.14 8.83
CA THR A 123 -34.53 -2.53 8.42
C THR A 123 -34.94 -2.75 6.98
N GLY A 124 -33.99 -3.27 6.24
CA GLY A 124 -34.11 -3.54 4.82
C GLY A 124 -33.96 -2.33 3.92
N ASN A 125 -33.85 -1.14 4.50
CA ASN A 125 -33.87 0.11 3.73
C ASN A 125 -32.54 0.83 3.68
N VAL A 126 -31.54 0.26 4.34
CA VAL A 126 -30.25 0.91 4.44
C VAL A 126 -29.28 0.13 3.58
N ILE A 127 -28.53 0.87 2.78
CA ILE A 127 -27.41 0.38 2.02
C ILE A 127 -26.15 1.07 2.51
N ILE A 128 -25.10 0.28 2.78
CA ILE A 128 -23.78 0.86 3.08
C ILE A 128 -22.97 0.69 1.86
N GLU A 129 -22.52 1.80 1.29
CA GLU A 129 -21.67 1.79 0.11
C GLU A 129 -20.27 2.05 0.52
N THR A 130 -19.36 1.10 0.28
CA THR A 130 -18.03 1.21 0.78
C THR A 130 -17.07 1.37 -0.38
N LYS A 131 -16.27 2.41 -0.34
CA LYS A 131 -15.23 2.52 -1.39
C LYS A 131 -13.93 2.27 -0.72
N PHE A 132 -13.19 1.33 -1.29
CA PHE A 132 -11.87 0.98 -0.79
C PHE A 132 -10.81 1.67 -1.68
N PHE A 133 -9.98 2.49 -1.06
CA PHE A 133 -8.96 3.24 -1.78
C PHE A 133 -7.55 2.93 -1.34
N ASP A 134 -6.61 3.06 -2.27
CA ASP A 134 -5.27 3.26 -1.87
C ASP A 134 -4.95 4.71 -2.23
N ASP A 135 -4.95 5.55 -1.21
CA ASP A 135 -4.77 7.00 -1.39
C ASP A 135 -5.88 7.51 -2.32
N ASP A 136 -5.57 7.83 -3.59
CA ASP A 136 -6.56 8.32 -4.48
C ASP A 136 -7.02 7.29 -5.48
N LEU A 137 -6.48 6.08 -5.44
CA LEU A 137 -6.89 5.07 -6.37
C LEU A 137 -8.07 4.23 -5.84
N LEU A 138 -9.19 4.26 -6.54
CA LEU A 138 -10.33 3.48 -6.12
C LEU A 138 -10.12 2.07 -6.47
N VAL A 139 -10.06 1.17 -5.50
CA VAL A 139 -9.85 -0.24 -5.76
C VAL A 139 -11.16 -1.03 -5.93
N SER A 140 -12.17 -0.77 -5.09
CA SER A 140 -13.42 -1.49 -5.16
C SER A 140 -14.49 -0.60 -4.58
N THR A 141 -15.72 -0.81 -5.03
CA THR A 141 -16.92 -0.21 -4.39
C THR A 141 -17.84 -1.35 -4.07
N SER A 142 -18.21 -1.56 -2.80
CA SER A 142 -19.13 -2.65 -2.45
C SER A 142 -20.42 -2.07 -1.80
N ARG A 143 -21.48 -2.89 -1.83
CA ARG A 143 -22.78 -2.49 -1.31
C ARG A 143 -23.35 -3.57 -0.43
N VAL A 144 -23.82 -3.22 0.77
CA VAL A 144 -24.36 -4.17 1.72
C VAL A 144 -25.68 -3.60 2.21
N ARG A 145 -26.73 -4.40 2.05
CA ARG A 145 -28.08 -4.02 2.60
C ARG A 145 -28.21 -4.49 4.00
N LEU A 146 -28.67 -3.63 4.93
CA LEU A 146 -28.76 -4.04 6.28
C LEU A 146 -30.21 -4.30 6.72
N PHE A 147 -30.36 -5.35 7.50
CA PHE A 147 -31.61 -5.77 8.15
C PHE A 147 -31.32 -5.73 9.64
N TYR A 148 -32.22 -5.17 10.43
CA TYR A 148 -32.01 -4.99 11.84
C TYR A 148 -33.01 -5.95 12.47
N VAL A 149 -32.55 -7.00 13.19
CA VAL A 149 -33.42 -8.15 13.57
C VAL A 149 -33.57 -8.39 15.07
N ALA B 2 25.14 12.33 -30.44
CA ALA B 2 24.88 10.89 -30.80
C ALA B 2 24.74 10.04 -29.54
N LYS B 3 25.70 10.20 -28.64
CA LYS B 3 25.60 9.66 -27.29
C LYS B 3 24.36 10.19 -26.58
N ASP B 4 23.98 11.42 -26.86
CA ASP B 4 22.71 11.90 -26.33
C ASP B 4 21.48 11.28 -26.96
N GLU B 5 21.48 11.12 -28.26
CA GLU B 5 20.36 10.48 -28.94
C GLU B 5 20.22 9.00 -28.43
N ARG B 6 21.35 8.36 -28.16
CA ARG B 6 21.38 6.96 -27.81
C ARG B 6 20.81 6.75 -26.37
N ALA B 7 21.26 7.58 -25.47
CA ALA B 7 20.73 7.63 -24.12
C ALA B 7 19.26 7.85 -24.08
N ARG B 8 18.71 8.73 -24.91
CA ARG B 8 17.30 8.96 -24.88
C ARG B 8 16.56 7.77 -25.42
N GLU B 9 17.15 7.11 -26.42
CA GLU B 9 16.55 5.94 -27.08
C GLU B 9 16.47 4.77 -26.05
N ILE B 10 17.53 4.58 -25.30
CA ILE B 10 17.52 3.50 -24.25
C ILE B 10 16.48 3.88 -23.18
N LEU B 11 16.49 5.14 -22.74
CA LEU B 11 15.50 5.54 -21.68
C LEU B 11 14.04 5.33 -22.13
N ARG B 12 13.75 5.67 -23.39
CA ARG B 12 12.40 5.54 -23.92
C ARG B 12 11.93 4.13 -23.85
N GLY B 13 12.84 3.19 -24.11
CA GLY B 13 12.52 1.80 -24.05
C GLY B 13 12.76 1.04 -22.74
N PHE B 14 13.11 1.73 -21.70
CA PHE B 14 13.52 1.15 -20.42
C PHE B 14 12.46 1.42 -19.40
N LYS B 15 12.12 0.44 -18.61
CA LYS B 15 11.37 0.71 -17.43
C LYS B 15 11.50 -0.32 -16.34
N LEU B 16 11.35 0.16 -15.14
CA LEU B 16 11.36 -0.66 -13.96
C LEU B 16 9.92 -1.09 -13.76
N ASN B 17 9.70 -2.37 -13.66
CA ASN B 17 8.34 -2.87 -13.51
C ASN B 17 7.92 -3.03 -12.08
N TRP B 18 8.79 -3.61 -11.29
CA TRP B 18 8.54 -3.81 -9.90
C TRP B 18 9.89 -4.03 -9.21
N MET B 19 9.91 -3.71 -7.93
CA MET B 19 11.03 -3.97 -7.06
C MET B 19 10.63 -4.43 -5.70
N ASN B 20 11.23 -5.50 -5.23
CA ASN B 20 11.02 -5.96 -3.88
C ASN B 20 12.17 -5.64 -2.96
N LEU B 21 11.88 -5.28 -1.71
CA LEU B 21 12.83 -5.40 -0.62
C LEU B 21 12.34 -6.54 0.31
N ARG B 22 13.14 -7.59 0.40
CA ARG B 22 12.78 -8.74 1.14
C ARG B 22 13.72 -8.94 2.30
N ASP B 23 13.17 -9.25 3.49
CA ASP B 23 14.01 -9.66 4.60
C ASP B 23 14.68 -10.99 4.26
N ALA B 24 15.99 -11.04 4.24
CA ALA B 24 16.61 -12.33 3.84
C ALA B 24 16.63 -13.41 4.95
N GLU B 25 16.37 -13.04 6.19
CA GLU B 25 16.26 -14.04 7.27
C GLU B 25 14.88 -14.72 7.41
N THR B 26 13.84 -14.00 7.12
CA THR B 26 12.50 -14.48 7.22
C THR B 26 11.90 -14.89 5.85
N GLY B 27 12.44 -14.30 4.78
CA GLY B 27 11.89 -14.43 3.45
C GLY B 27 10.70 -13.58 3.12
N LYS B 28 10.28 -12.71 4.03
CA LYS B 28 9.13 -11.86 3.82
C LYS B 28 9.47 -10.62 3.01
N ILE B 29 8.62 -10.30 2.04
CA ILE B 29 8.75 -9.06 1.29
C ILE B 29 8.20 -7.97 2.21
N LEU B 30 9.02 -6.95 2.48
CA LEU B 30 8.64 -5.89 3.38
C LEU B 30 8.15 -4.68 2.57
N TRP B 31 8.55 -4.58 1.28
CA TRP B 31 8.23 -3.50 0.45
C TRP B 31 8.27 -3.97 -0.96
N GLN B 32 7.27 -3.55 -1.72
CA GLN B 32 7.20 -3.78 -3.14
C GLN B 32 6.73 -2.53 -3.84
N GLY B 33 7.63 -1.91 -4.56
CA GLY B 33 7.27 -0.78 -5.44
C GLY B 33 6.88 -1.25 -6.82
N THR B 34 5.82 -0.67 -7.36
CA THR B 34 5.38 -1.01 -8.68
C THR B 34 5.37 0.18 -9.63
N GLU B 35 5.95 1.30 -9.23
CA GLU B 35 6.07 2.51 -10.08
C GLU B 35 7.43 2.54 -10.72
N ASP B 36 7.51 3.06 -11.92
CA ASP B 36 8.83 3.23 -12.59
C ASP B 36 9.69 4.30 -11.95
N LEU B 37 10.56 3.84 -11.04
CA LEU B 37 11.51 4.70 -10.36
C LEU B 37 12.74 5.14 -11.17
N SER B 38 12.80 4.76 -12.44
CA SER B 38 13.81 5.25 -13.36
C SER B 38 13.45 6.59 -13.98
N VAL B 39 12.23 7.03 -13.81
CA VAL B 39 11.76 8.24 -14.50
C VAL B 39 12.46 9.45 -13.87
N PRO B 40 13.14 10.25 -14.69
CA PRO B 40 13.85 11.44 -14.19
C PRO B 40 12.90 12.60 -13.97
N GLY B 41 13.40 13.59 -13.26
CA GLY B 41 12.66 14.87 -13.15
C GLY B 41 11.46 14.92 -12.25
N VAL B 42 11.20 13.84 -11.50
CA VAL B 42 10.10 13.70 -10.56
C VAL B 42 10.73 13.34 -9.20
N GLU B 43 10.19 13.81 -8.10
CA GLU B 43 10.65 13.33 -6.79
C GLU B 43 9.74 12.22 -6.37
N HIS B 44 10.20 10.99 -6.55
CA HIS B 44 9.41 9.81 -6.22
C HIS B 44 9.51 9.71 -4.72
N GLU B 45 8.52 9.08 -4.14
CA GLU B 45 8.51 8.83 -2.70
C GLU B 45 8.37 7.36 -2.50
N ALA B 46 9.05 6.81 -1.51
CA ALA B 46 8.85 5.47 -1.11
C ALA B 46 8.60 5.46 0.40
N ARG B 47 7.58 4.71 0.82
CA ARG B 47 7.35 4.40 2.24
C ARG B 47 7.72 3.00 2.54
N VAL B 48 8.69 2.82 3.41
CA VAL B 48 9.23 1.51 3.72
C VAL B 48 8.97 1.29 5.20
N PRO B 49 8.57 0.11 5.58
CA PRO B 49 8.39 -0.17 7.00
C PRO B 49 9.64 -0.09 7.81
N LYS B 50 9.51 0.53 8.98
CA LYS B 50 10.69 0.82 9.72
C LYS B 50 11.41 -0.37 10.23
N LYS B 51 10.74 -1.49 10.32
CA LYS B 51 11.39 -2.70 10.76
C LYS B 51 12.40 -3.20 9.77
N ILE B 52 12.45 -2.61 8.57
CA ILE B 52 13.50 -2.97 7.65
C ILE B 52 14.89 -2.72 8.23
N LEU B 53 15.02 -1.75 9.13
CA LEU B 53 16.30 -1.37 9.71
C LEU B 53 16.79 -2.40 10.73
N LYS B 54 15.93 -3.32 11.09
CA LYS B 54 16.31 -4.42 11.96
C LYS B 54 16.76 -5.66 11.21
N CYS B 55 16.63 -5.69 9.89
CA CYS B 55 17.03 -6.90 9.11
C CYS B 55 18.54 -6.99 9.06
N LYS B 56 19.07 -8.20 9.09
CA LYS B 56 20.53 -8.37 8.93
C LYS B 56 20.96 -8.19 7.49
N ALA B 57 20.04 -8.51 6.59
CA ALA B 57 20.31 -8.40 5.18
C ALA B 57 19.03 -8.33 4.42
N VAL B 58 19.03 -7.66 3.29
CA VAL B 58 17.86 -7.47 2.54
C VAL B 58 18.20 -7.93 1.10
N SER B 59 17.32 -8.73 0.54
CA SER B 59 17.38 -9.10 -0.87
C SER B 59 16.61 -8.04 -1.64
N ARG B 60 17.27 -7.35 -2.53
CA ARG B 60 16.64 -6.44 -3.40
C ARG B 60 16.44 -7.09 -4.76
N GLU B 61 15.21 -7.12 -5.22
CA GLU B 61 14.83 -7.78 -6.47
C GLU B 61 14.20 -6.79 -7.43
N LEU B 62 14.87 -6.48 -8.54
CA LEU B 62 14.44 -5.45 -9.43
C LEU B 62 14.05 -6.09 -10.75
N ASN B 63 12.85 -5.87 -11.26
CA ASN B 63 12.46 -6.40 -12.57
C ASN B 63 12.34 -5.22 -13.53
N PHE B 64 13.07 -5.29 -14.63
CA PHE B 64 13.05 -4.22 -15.62
C PHE B 64 12.96 -4.78 -17.02
N SER B 65 12.49 -3.93 -17.92
CA SER B 65 12.31 -4.23 -19.33
C SER B 65 13.11 -3.21 -20.11
N SER B 66 13.70 -3.68 -21.19
CA SER B 66 14.48 -2.81 -22.05
C SER B 66 14.29 -3.18 -23.55
N THR B 67 13.78 -2.25 -24.33
CA THR B 67 13.67 -2.50 -25.80
C THR B 67 15.10 -2.47 -26.38
N GLU B 68 15.95 -1.55 -25.95
CA GLU B 68 17.34 -1.48 -26.45
C GLU B 68 18.27 -2.47 -25.75
N GLN B 69 19.28 -2.89 -26.49
CA GLN B 69 20.37 -3.64 -25.93
C GLN B 69 21.20 -2.73 -25.05
N MET B 70 21.73 -3.27 -23.96
CA MET B 70 22.75 -2.56 -23.26
C MET B 70 23.93 -3.46 -23.06
N GLU B 71 25.10 -2.91 -23.25
CA GLU B 71 26.33 -3.70 -23.16
C GLU B 71 26.73 -4.07 -21.75
N LYS B 72 26.66 -3.06 -20.91
CA LYS B 72 26.97 -3.21 -19.51
C LYS B 72 26.09 -2.30 -18.56
N PHE B 73 24.86 -2.73 -18.38
CA PHE B 73 23.93 -2.08 -17.52
C PHE B 73 24.40 -2.12 -16.05
N ARG B 74 24.43 -0.93 -15.44
CA ARG B 74 24.81 -0.84 -14.04
C ARG B 74 24.14 0.40 -13.37
N LEU B 75 24.14 0.40 -12.05
CA LEU B 75 23.64 1.49 -11.25
C LEU B 75 24.71 2.05 -10.31
N GLU B 76 24.63 3.36 -10.11
CA GLU B 76 25.34 3.99 -9.00
C GLU B 76 24.27 4.65 -8.18
N GLN B 77 24.27 4.38 -6.89
CA GLN B 77 23.25 4.95 -5.99
C GLN B 77 23.95 5.70 -4.88
N LYS B 78 23.49 6.92 -4.67
CA LYS B 78 24.05 7.75 -3.56
C LYS B 78 22.94 8.00 -2.56
N VAL B 79 23.26 7.89 -1.29
CA VAL B 79 22.30 8.06 -0.23
C VAL B 79 22.66 9.46 0.36
N TYR B 80 21.77 10.41 0.21
CA TYR B 80 21.90 11.76 0.79
C TYR B 80 20.98 11.90 1.98
N PHE B 81 21.57 12.30 3.10
CA PHE B 81 20.84 12.59 4.29
C PHE B 81 20.97 14.14 4.49
N LYS B 82 19.85 14.81 4.42
CA LYS B 82 19.77 16.28 4.54
C LYS B 82 20.80 16.89 3.65
N GLY B 83 20.75 16.50 2.39
CA GLY B 83 21.80 16.87 1.50
C GLY B 83 23.19 16.36 1.66
N GLN B 84 23.56 15.64 2.70
CA GLN B 84 24.93 15.17 2.82
C GLN B 84 25.08 13.67 2.38
N CYS B 85 26.06 13.39 1.54
CA CYS B 85 26.22 12.00 0.99
C CYS B 85 26.74 11.13 2.08
N LEU B 86 25.95 10.15 2.50
CA LEU B 86 26.40 9.20 3.50
C LEU B 86 26.96 7.94 2.94
N GLU B 87 26.47 7.49 1.79
CA GLU B 87 26.88 6.16 1.27
C GLU B 87 26.78 6.19 -0.20
N GLU B 88 27.64 5.42 -0.87
CA GLU B 88 27.59 5.23 -2.29
C GLU B 88 27.50 3.76 -2.55
N TRP B 89 26.56 3.34 -3.41
CA TRP B 89 26.43 1.93 -3.71
C TRP B 89 26.58 1.69 -5.24
N PHE B 90 27.16 0.57 -5.57
CA PHE B 90 27.45 0.24 -6.96
C PHE B 90 26.93 -1.14 -7.24
N PHE B 91 26.15 -1.28 -8.30
CA PHE B 91 25.63 -2.60 -8.71
C PHE B 91 25.79 -2.78 -10.23
N GLU B 92 26.21 -3.96 -10.63
CA GLU B 92 26.41 -4.24 -12.06
C GLU B 92 25.59 -5.40 -12.49
N PHE B 93 24.81 -5.22 -13.54
CA PHE B 93 23.98 -6.27 -14.09
C PHE B 93 24.71 -6.90 -15.26
N GLY B 94 25.28 -6.07 -16.11
CA GLY B 94 25.96 -6.52 -17.31
C GLY B 94 25.09 -6.48 -18.57
N PHE B 95 25.25 -7.48 -19.44
CA PHE B 95 24.59 -7.46 -20.78
C PHE B 95 23.12 -7.58 -20.70
N VAL B 96 22.42 -6.76 -21.47
CA VAL B 96 21.00 -6.85 -21.58
C VAL B 96 20.59 -7.09 -23.02
N ILE B 97 19.90 -8.19 -23.20
CA ILE B 97 19.42 -8.59 -24.51
C ILE B 97 18.32 -7.58 -24.94
N PRO B 98 18.36 -7.18 -26.21
CA PRO B 98 17.29 -6.32 -26.65
C PRO B 98 15.90 -6.94 -26.49
N ASN B 99 14.92 -6.11 -26.14
CA ASN B 99 13.55 -6.57 -25.92
C ASN B 99 13.42 -7.61 -24.89
N SER B 100 14.10 -7.42 -23.76
CA SER B 100 14.04 -8.38 -22.76
C SER B 100 13.42 -7.79 -21.49
N THR B 101 12.94 -8.69 -20.68
CA THR B 101 12.57 -8.42 -19.28
C THR B 101 13.45 -9.26 -18.35
N ASN B 102 13.99 -8.67 -17.28
CA ASN B 102 15.02 -9.26 -16.51
C ASN B 102 14.71 -9.09 -15.04
N THR B 103 15.07 -10.06 -14.16
CA THR B 103 14.97 -9.85 -12.73
C THR B 103 16.38 -9.84 -12.19
N TRP B 104 16.75 -8.81 -11.49
CA TRP B 104 18.09 -8.59 -11.00
C TRP B 104 18.02 -8.64 -9.51
N GLN B 105 18.63 -9.60 -8.91
CA GLN B 105 18.64 -9.73 -7.45
C GLN B 105 20.02 -9.37 -6.87
N SER B 106 20.05 -8.62 -5.77
CA SER B 106 21.27 -8.23 -5.09
C SER B 106 21.00 -8.33 -3.56
N LEU B 107 21.98 -8.74 -2.76
CA LEU B 107 21.86 -8.77 -1.31
C LEU B 107 22.52 -7.51 -0.75
N ILE B 108 21.83 -6.76 0.08
CA ILE B 108 22.40 -5.61 0.77
C ILE B 108 22.50 -5.97 2.24
N GLU B 109 23.70 -5.88 2.79
CA GLU B 109 23.95 -6.30 4.15
C GLU B 109 23.85 -5.11 5.08
N ALA B 110 23.25 -5.30 6.26
CA ALA B 110 23.23 -4.23 7.24
C ALA B 110 24.59 -3.96 7.81
N ALA B 111 24.85 -2.69 8.12
CA ALA B 111 25.99 -2.26 8.98
C ALA B 111 25.82 -2.89 10.35
N PRO B 112 26.87 -2.96 11.17
CA PRO B 112 26.74 -3.43 12.51
C PRO B 112 25.67 -2.56 13.18
N GLU B 113 24.95 -3.19 14.09
CA GLU B 113 23.80 -2.59 14.75
C GLU B 113 24.06 -1.20 15.33
N SER B 114 25.24 -1.03 15.91
CA SER B 114 25.57 0.21 16.54
C SER B 114 25.81 1.39 15.56
N GLN B 115 25.88 1.09 14.27
CA GLN B 115 25.98 2.10 13.27
C GLN B 115 24.69 2.36 12.54
N MET B 116 23.68 1.54 12.73
CA MET B 116 22.46 1.74 11.98
C MET B 116 21.83 3.06 12.39
N MET B 117 21.27 3.75 11.42
CA MET B 117 20.54 5.00 11.70
C MET B 117 19.16 4.80 12.17
N PRO B 118 18.76 5.60 13.15
CA PRO B 118 17.37 5.49 13.62
C PRO B 118 16.32 6.01 12.65
N ALA B 119 15.22 5.26 12.59
CA ALA B 119 14.10 5.54 11.69
C ALA B 119 13.61 6.97 11.89
N SER B 120 13.57 7.45 13.11
CA SER B 120 12.95 8.74 13.30
C SER B 120 13.88 9.85 12.84
N VAL B 121 15.18 9.58 12.79
CA VAL B 121 16.09 10.54 12.23
C VAL B 121 16.01 10.54 10.70
N LEU B 122 15.95 9.35 10.12
CA LEU B 122 15.95 9.21 8.68
C LEU B 122 14.71 9.68 7.99
N THR B 123 13.56 9.47 8.59
CA THR B 123 12.32 9.51 7.80
C THR B 123 12.05 10.85 7.21
N GLY B 124 11.87 10.88 5.89
CA GLY B 124 11.65 12.11 5.15
C GLY B 124 12.90 12.88 4.86
N ASN B 125 14.05 12.47 5.39
CA ASN B 125 15.27 13.17 5.24
C ASN B 125 16.28 12.48 4.30
N VAL B 126 15.93 11.31 3.77
CA VAL B 126 16.81 10.62 2.88
C VAL B 126 16.38 10.69 1.46
N ILE B 127 17.33 10.99 0.60
CA ILE B 127 17.15 10.90 -0.83
C ILE B 127 18.08 9.87 -1.39
N ILE B 128 17.56 8.95 -2.19
CA ILE B 128 18.46 8.07 -2.98
C ILE B 128 18.47 8.60 -4.38
N GLU B 129 19.64 8.94 -4.86
CA GLU B 129 19.85 9.36 -6.24
C GLU B 129 20.48 8.19 -7.00
N THR B 130 19.77 7.70 -8.01
CA THR B 130 20.18 6.54 -8.82
C THR B 130 20.57 7.00 -10.18
N LYS B 131 21.80 6.69 -10.56
CA LYS B 131 22.26 6.87 -11.93
C LYS B 131 22.27 5.52 -12.64
N PHE B 132 21.52 5.46 -13.72
CA PHE B 132 21.37 4.29 -14.57
C PHE B 132 22.35 4.46 -15.75
N PHE B 133 23.33 3.56 -15.88
CA PHE B 133 24.29 3.65 -16.98
C PHE B 133 24.26 2.46 -17.86
N ASP B 134 24.62 2.65 -19.14
CA ASP B 134 25.13 1.57 -19.98
C ASP B 134 26.59 1.88 -20.21
N ASP B 135 27.40 1.16 -19.46
CA ASP B 135 28.82 1.36 -19.33
C ASP B 135 29.14 2.77 -18.84
N ASP B 136 29.66 3.63 -19.72
CA ASP B 136 29.94 5.04 -19.35
C ASP B 136 28.84 5.97 -19.76
N LEU B 137 27.81 5.47 -20.43
CA LEU B 137 26.74 6.29 -20.90
C LEU B 137 25.62 6.46 -19.87
N LEU B 138 25.31 7.70 -19.46
CA LEU B 138 24.30 7.95 -18.40
C LEU B 138 22.96 8.00 -19.09
N VAL B 139 22.08 7.04 -18.78
CA VAL B 139 20.81 6.93 -19.39
C VAL B 139 19.77 7.73 -18.61
N SER B 140 19.82 7.67 -17.29
CA SER B 140 18.86 8.41 -16.49
C SER B 140 19.37 8.63 -15.10
N THR B 141 18.84 9.66 -14.43
CA THR B 141 19.17 9.89 -13.03
C THR B 141 17.84 10.11 -12.32
N SER B 142 17.56 9.33 -11.28
CA SER B 142 16.30 9.44 -10.59
C SER B 142 16.56 9.77 -9.13
N ARG B 143 15.49 10.26 -8.48
CA ARG B 143 15.47 10.72 -7.09
C ARG B 143 14.27 10.19 -6.36
N VAL B 144 14.50 9.56 -5.21
CA VAL B 144 13.48 8.92 -4.42
C VAL B 144 13.66 9.36 -2.99
N ARG B 145 12.61 9.95 -2.42
CA ARG B 145 12.62 10.33 -1.01
C ARG B 145 12.07 9.20 -0.18
N LEU B 146 12.77 8.82 0.86
CA LEU B 146 12.35 7.69 1.68
C LEU B 146 11.70 8.09 3.02
N PHE B 147 10.59 7.46 3.28
CA PHE B 147 9.87 7.59 4.56
C PHE B 147 9.92 6.21 5.21
N TYR B 148 10.24 6.15 6.50
CA TYR B 148 10.29 4.89 7.25
C TYR B 148 9.10 4.86 8.13
N VAL B 149 8.12 4.02 7.85
CA VAL B 149 6.78 4.12 8.47
C VAL B 149 6.40 2.95 9.42
N SER C 1 -19.12 9.27 13.91
CA SER C 1 -20.43 9.05 14.69
C SER C 1 -21.62 8.67 13.79
N SER C 2 -22.68 8.07 14.37
CA SER C 2 -23.71 7.45 13.51
C SER C 2 -25.10 7.37 14.15
N THR C 3 -26.08 7.61 13.31
CA THR C 3 -27.51 7.48 13.70
C THR C 3 -28.05 6.09 13.43
N ILE C 4 -27.21 5.21 12.85
CA ILE C 4 -27.69 3.84 12.44
C ILE C 4 -26.91 2.73 13.14
N SER D 1 26.87 -3.07 1.82
CA SER D 1 26.67 -2.78 3.32
C SER D 1 26.00 -1.37 3.59
N SER D 2 25.02 -1.22 4.54
CA SER D 2 24.25 0.03 4.61
C SER D 2 23.78 0.35 6.01
N THR D 3 23.83 1.63 6.40
CA THR D 3 23.31 2.07 7.69
C THR D 3 21.85 2.48 7.57
N ILE D 4 21.29 2.42 6.34
CA ILE D 4 19.90 2.91 6.14
C ILE D 4 18.96 1.74 5.78
#